data_5M2O
#
_entry.id   5M2O
#
_cell.length_a   42.767
_cell.length_b   63.510
_cell.length_c   84.482
_cell.angle_alpha   90.000
_cell.angle_beta   90.000
_cell.angle_gamma   90.000
#
_symmetry.space_group_name_H-M   'P 21 21 21'
#
loop_
_entity.id
_entity.type
_entity.pdbx_description
1 polymer 'Putative cellulosomal scaffoldin protein'
2 polymer 'Group I Dockerin'
3 non-polymer 'CALCIUM ION'
4 water water
#
loop_
_entity_poly.entity_id
_entity_poly.type
_entity_poly.pdbx_seq_one_letter_code
_entity_poly.pdbx_strand_id
1 'polypeptide(L)'
;MPVANADVVFDFQNYTAKAGDEVTVDVLVDSKNKPISAMDVKFKVDSPLTIEEIDKESLAFNTTVMTNMAILGANFKSLD
DKGEPLVPKDGAAVFTLYVNVPANTPDGTYYVGFNGKNEVHKSNDGSQFTVASKNGAITVGTPNEEGLE
;
A
2 'polypeptide(L)'
;MGSSHHHHHHSSGLVPRGSHMASVQKFPGDANCDGIVDISDAVLIMQTMANPSKYQMTDKGRINADVTGNSDGVTVLDAQ
FIQSYCLGLVELPPVE
;
B
#
# COMPACT_ATOMS: atom_id res chain seq x y z
N ASN A 5 13.53 -2.62 17.85
CA ASN A 5 13.82 -3.16 16.48
C ASN A 5 12.57 -3.30 15.64
N ALA A 6 12.66 -2.99 14.35
CA ALA A 6 11.44 -2.89 13.55
C ALA A 6 10.74 -4.23 13.37
N ASP A 7 9.42 -4.19 13.39
CA ASP A 7 8.60 -5.37 13.13
C ASP A 7 8.81 -5.96 11.71
N VAL A 8 8.94 -5.09 10.72
N VAL A 8 8.95 -5.06 10.74
CA VAL A 8 9.19 -5.51 9.36
CA VAL A 8 9.01 -5.36 9.30
C VAL A 8 10.21 -4.61 8.73
C VAL A 8 10.23 -4.60 8.75
N VAL A 9 11.03 -5.21 7.86
CA VAL A 9 12.17 -4.51 7.24
C VAL A 9 12.09 -4.69 5.73
N PHE A 10 12.03 -3.57 5.01
CA PHE A 10 12.08 -3.58 3.53
C PHE A 10 13.53 -3.56 3.07
N ASP A 11 13.82 -4.35 2.05
CA ASP A 11 15.14 -4.37 1.41
C ASP A 11 14.94 -3.87 -0.02
N PHE A 12 15.37 -2.63 -0.29
CA PHE A 12 15.29 -2.09 -1.65
C PHE A 12 16.29 -2.73 -2.61
N GLN A 13 17.29 -3.44 -2.04
CA GLN A 13 18.42 -4.05 -2.74
C GLN A 13 19.34 -3.01 -3.36
N ASN A 14 20.50 -3.45 -3.84
CA ASN A 14 21.48 -2.58 -4.46
C ASN A 14 21.71 -2.95 -5.92
N TYR A 15 22.05 -1.95 -6.73
CA TYR A 15 22.09 -2.07 -8.17
C TYR A 15 23.28 -1.33 -8.75
N THR A 16 23.73 -1.79 -9.91
CA THR A 16 24.75 -1.05 -10.64
C THR A 16 24.14 -0.61 -11.98
N ALA A 17 24.52 0.56 -12.45
CA ALA A 17 24.00 1.09 -13.69
C ALA A 17 25.03 2.01 -14.34
N LYS A 18 24.83 2.27 -15.62
CA LYS A 18 25.47 3.38 -16.32
C LYS A 18 24.44 4.40 -16.76
N ALA A 19 24.92 5.63 -16.97
CA ALA A 19 24.03 6.69 -17.40
C ALA A 19 23.28 6.27 -18.67
N GLY A 20 21.97 6.54 -18.68
CA GLY A 20 21.09 6.14 -19.77
C GLY A 20 20.29 4.85 -19.50
N ASP A 21 20.68 4.06 -18.50
CA ASP A 21 20.03 2.77 -18.20
C ASP A 21 18.67 3.01 -17.50
N GLU A 22 17.80 2.01 -17.62
CA GLU A 22 16.69 1.84 -16.68
C GLU A 22 17.07 0.76 -15.69
N VAL A 23 16.78 1.01 -14.42
CA VAL A 23 16.98 0.01 -13.37
C VAL A 23 15.62 -0.49 -12.90
N THR A 24 15.44 -1.82 -12.83
CA THR A 24 14.25 -2.39 -12.23
C THR A 24 14.53 -2.67 -10.75
N VAL A 25 13.83 -1.93 -9.89
CA VAL A 25 14.02 -2.04 -8.45
C VAL A 25 12.93 -2.95 -7.90
N ASP A 26 13.33 -4.08 -7.33
CA ASP A 26 12.41 -5.02 -6.69
C ASP A 26 12.53 -4.83 -5.18
N VAL A 27 11.46 -4.33 -4.56
CA VAL A 27 11.49 -4.04 -3.14
C VAL A 27 11.02 -5.31 -2.41
N LEU A 28 11.90 -5.89 -1.61
CA LEU A 28 11.57 -7.10 -0.83
C LEU A 28 11.13 -6.70 0.60
N VAL A 29 10.49 -7.63 1.29
CA VAL A 29 10.19 -7.39 2.70
C VAL A 29 10.46 -8.64 3.51
N ASP A 30 10.97 -8.43 4.72
CA ASP A 30 11.10 -9.48 5.72
C ASP A 30 10.16 -9.11 6.87
N SER A 31 9.09 -9.87 7.02
CA SER A 31 8.18 -9.71 8.17
C SER A 31 8.39 -10.76 9.28
N LYS A 32 9.48 -11.51 9.18
CA LYS A 32 9.71 -12.62 10.12
C LYS A 32 8.53 -13.62 10.10
N ASN A 33 7.95 -13.77 8.90
CA ASN A 33 6.82 -14.68 8.67
C ASN A 33 5.52 -14.25 9.37
N LYS A 34 5.44 -12.97 9.77
CA LYS A 34 4.18 -12.42 10.23
C LYS A 34 3.28 -12.07 9.03
N PRO A 35 1.96 -12.22 9.17
CA PRO A 35 1.05 -11.81 8.10
C PRO A 35 0.86 -10.29 8.08
N ILE A 36 0.50 -9.77 6.90
CA ILE A 36 0.31 -8.34 6.63
C ILE A 36 -1.04 -8.19 5.91
N SER A 37 -1.86 -7.26 6.35
CA SER A 37 -3.19 -7.01 5.73
C SER A 37 -3.20 -6.00 4.59
N ALA A 38 -2.28 -5.05 4.59
CA ALA A 38 -2.28 -3.98 3.61
C ALA A 38 -1.01 -3.16 3.73
N MET A 39 -0.67 -2.43 2.67
CA MET A 39 0.39 -1.42 2.70
C MET A 39 -0.08 -0.16 2.03
N ASP A 40 0.44 0.98 2.46
CA ASP A 40 0.10 2.30 1.83
C ASP A 40 1.34 3.16 1.99
N VAL A 41 2.07 3.42 0.89
CA VAL A 41 3.43 3.95 0.93
C VAL A 41 3.63 5.04 -0.13
N LYS A 42 4.76 5.75 -0.02
CA LYS A 42 5.25 6.67 -1.06
C LYS A 42 6.73 6.44 -1.25
N PHE A 43 7.22 6.65 -2.48
CA PHE A 43 8.64 6.41 -2.84
C PHE A 43 9.32 7.69 -3.30
N LYS A 44 10.65 7.65 -3.29
CA LYS A 44 11.49 8.69 -3.91
C LYS A 44 12.81 8.07 -4.38
N VAL A 45 13.51 8.78 -5.23
CA VAL A 45 14.88 8.44 -5.63
C VAL A 45 15.66 9.72 -5.73
N ASP A 46 16.96 9.67 -5.42
CA ASP A 46 17.81 10.84 -5.51
C ASP A 46 17.90 11.37 -6.95
N SER A 47 17.78 12.68 -7.06
CA SER A 47 17.94 13.38 -8.33
C SER A 47 19.37 13.11 -8.88
N PRO A 48 19.54 13.00 -10.20
CA PRO A 48 18.54 13.30 -11.24
C PRO A 48 17.77 12.04 -11.72
N LEU A 49 17.89 10.93 -11.01
CA LEU A 49 17.13 9.73 -11.36
C LEU A 49 15.64 10.01 -11.17
N THR A 50 14.81 9.26 -11.88
CA THR A 50 13.35 9.38 -11.73
C THR A 50 12.70 7.99 -11.66
N ILE A 51 11.63 7.90 -10.87
CA ILE A 51 10.78 6.70 -10.87
C ILE A 51 9.76 6.94 -11.98
N GLU A 52 9.87 6.20 -13.09
CA GLU A 52 9.02 6.38 -14.26
C GLU A 52 7.71 5.63 -14.15
N GLU A 53 7.67 4.54 -13.38
CA GLU A 53 6.46 3.73 -13.23
C GLU A 53 6.58 2.87 -11.99
N ILE A 54 5.44 2.73 -11.31
CA ILE A 54 5.29 1.74 -10.22
C ILE A 54 4.47 0.59 -10.82
N ASP A 55 4.99 -0.64 -10.78
CA ASP A 55 4.25 -1.77 -11.33
C ASP A 55 2.91 -1.96 -10.59
N LYS A 56 1.88 -2.36 -11.34
CA LYS A 56 0.56 -2.57 -10.75
C LYS A 56 0.31 -3.96 -10.17
N GLU A 57 1.34 -4.78 -10.13
CA GLU A 57 1.25 -6.07 -9.46
C GLU A 57 2.22 -6.13 -8.29
N SER A 58 1.77 -6.77 -7.20
CA SER A 58 2.62 -7.15 -6.07
C SER A 58 2.80 -8.68 -6.11
N LEU A 59 3.99 -9.13 -6.50
CA LEU A 59 4.22 -10.56 -6.59
C LEU A 59 4.23 -11.22 -5.21
N ALA A 60 4.69 -10.51 -4.17
CA ALA A 60 4.78 -11.13 -2.85
C ALA A 60 3.39 -11.47 -2.29
N PHE A 61 2.37 -10.77 -2.76
CA PHE A 61 1.00 -10.90 -2.25
C PHE A 61 -0.03 -11.31 -3.30
N ASN A 62 0.40 -11.50 -4.54
CA ASN A 62 -0.52 -11.79 -5.67
C ASN A 62 -1.75 -10.90 -5.70
N THR A 63 -1.52 -9.60 -5.71
CA THR A 63 -2.62 -8.65 -5.72
C THR A 63 -2.25 -7.45 -6.62
N THR A 64 -3.26 -6.63 -6.92
CA THR A 64 -3.10 -5.43 -7.69
C THR A 64 -2.74 -4.26 -6.77
N VAL A 65 -1.76 -3.51 -7.23
CA VAL A 65 -1.29 -2.30 -6.54
C VAL A 65 -1.96 -1.11 -7.18
N MET A 66 -2.69 -0.30 -6.40
CA MET A 66 -3.20 0.98 -6.88
CA MET A 66 -3.21 0.98 -6.87
C MET A 66 -2.12 2.03 -6.73
N THR A 67 -1.93 2.84 -7.77
CA THR A 67 -0.85 3.81 -7.77
C THR A 67 -1.35 5.22 -8.05
N ASN A 68 -0.57 6.19 -7.60
CA ASN A 68 -0.73 7.58 -8.01
C ASN A 68 0.64 8.10 -8.33
N MET A 69 0.95 8.14 -9.62
CA MET A 69 2.30 8.49 -10.05
C MET A 69 2.64 9.95 -9.70
N ALA A 70 1.63 10.82 -9.58
CA ALA A 70 1.94 12.25 -9.27
C ALA A 70 2.62 12.41 -7.90
N ILE A 71 2.34 11.51 -6.95
CA ILE A 71 2.95 11.57 -5.63
C ILE A 71 3.84 10.35 -5.38
N LEU A 72 4.08 9.54 -6.40
CA LEU A 72 4.79 8.26 -6.28
C LEU A 72 4.24 7.40 -5.12
N GLY A 73 2.91 7.32 -5.09
CA GLY A 73 2.18 6.58 -4.05
C GLY A 73 1.71 5.25 -4.54
N ALA A 74 1.61 4.28 -3.65
CA ALA A 74 1.12 2.93 -3.97
C ALA A 74 0.51 2.28 -2.79
N ASN A 75 -0.57 1.51 -2.99
CA ASN A 75 -1.20 0.79 -1.88
C ASN A 75 -1.88 -0.48 -2.39
N PHE A 76 -2.19 -1.36 -1.46
CA PHE A 76 -2.89 -2.60 -1.76
C PHE A 76 -3.42 -3.21 -0.46
N LYS A 77 -4.35 -4.16 -0.62
CA LYS A 77 -4.73 -5.07 0.45
C LYS A 77 -4.19 -6.45 0.10
N SER A 78 -3.77 -7.18 1.13
CA SER A 78 -3.12 -8.47 0.96
C SER A 78 -3.79 -9.55 1.79
N LEU A 79 -4.89 -10.09 1.24
CA LEU A 79 -5.75 -11.05 1.95
C LEU A 79 -5.95 -12.28 1.08
N ASP A 80 -6.14 -13.43 1.72
CA ASP A 80 -6.51 -14.64 0.98
C ASP A 80 -8.01 -14.60 0.63
N ASP A 81 -8.48 -15.67 0.00
CA ASP A 81 -9.83 -15.68 -0.52
C ASP A 81 -10.89 -15.70 0.59
N LYS A 82 -10.50 -15.97 1.83
CA LYS A 82 -11.40 -15.90 3.00
C LYS A 82 -11.16 -14.66 3.85
N GLY A 83 -10.36 -13.74 3.35
CA GLY A 83 -10.10 -12.50 4.06
C GLY A 83 -8.95 -12.51 5.06
N GLU A 84 -8.18 -13.59 5.13
CA GLU A 84 -7.10 -13.65 6.10
C GLU A 84 -5.86 -12.90 5.59
N PRO A 85 -5.26 -12.04 6.43
CA PRO A 85 -3.97 -11.42 6.06
C PRO A 85 -2.90 -12.43 5.62
N LEU A 86 -2.11 -12.07 4.63
CA LEU A 86 -1.15 -12.94 3.97
C LEU A 86 0.27 -12.78 4.52
N VAL A 87 0.99 -13.90 4.64
CA VAL A 87 2.43 -13.85 4.82
C VAL A 87 3.06 -13.61 3.45
N PRO A 88 3.92 -12.59 3.29
CA PRO A 88 4.54 -12.38 1.96
C PRO A 88 5.36 -13.58 1.47
N LYS A 89 5.29 -13.83 0.16
CA LYS A 89 6.05 -14.93 -0.45
CA LYS A 89 6.03 -14.92 -0.45
C LYS A 89 7.54 -14.63 -0.39
N ASP A 90 8.29 -15.54 0.21
CA ASP A 90 9.72 -15.35 0.38
C ASP A 90 10.41 -15.14 -0.98
N GLY A 91 11.26 -14.11 -1.04
CA GLY A 91 12.02 -13.81 -2.25
C GLY A 91 11.30 -13.04 -3.32
N ALA A 92 9.98 -12.77 -3.13
CA ALA A 92 9.21 -12.13 -4.18
C ALA A 92 9.15 -10.62 -3.97
N ALA A 93 9.16 -9.87 -5.06
CA ALA A 93 8.96 -8.41 -4.96
C ALA A 93 7.59 -8.04 -4.38
N VAL A 94 7.64 -7.16 -3.38
CA VAL A 94 6.39 -6.58 -2.86
C VAL A 94 5.93 -5.44 -3.77
N PHE A 95 6.91 -4.64 -4.18
CA PHE A 95 6.72 -3.59 -5.17
C PHE A 95 7.84 -3.70 -6.21
N THR A 96 7.52 -3.32 -7.46
CA THR A 96 8.56 -3.18 -8.48
C THR A 96 8.48 -1.75 -9.02
N LEU A 97 9.65 -1.09 -9.08
CA LEU A 97 9.76 0.30 -9.53
C LEU A 97 10.69 0.31 -10.73
N TYR A 98 10.37 1.14 -11.71
CA TYR A 98 11.19 1.29 -12.91
C TYR A 98 11.82 2.67 -12.85
N VAL A 99 13.16 2.70 -12.75
CA VAL A 99 13.92 3.93 -12.46
C VAL A 99 14.76 4.29 -13.68
N ASN A 100 14.64 5.53 -14.12
CA ASN A 100 15.44 6.03 -15.25
C ASN A 100 16.67 6.77 -14.76
N VAL A 101 17.83 6.43 -15.31
CA VAL A 101 19.09 7.12 -15.05
C VAL A 101 19.40 7.99 -16.30
N PRO A 102 19.26 9.33 -16.21
CA PRO A 102 19.51 10.13 -17.41
C PRO A 102 20.92 9.97 -17.97
N ALA A 103 21.02 10.20 -19.29
CA ALA A 103 22.30 10.11 -19.97
C ALA A 103 23.42 10.99 -19.38
N ASN A 104 23.06 12.11 -18.79
CA ASN A 104 24.06 13.04 -18.24
C ASN A 104 24.25 12.90 -16.71
N THR A 105 23.82 11.79 -16.12
CA THR A 105 23.94 11.59 -14.69
C THR A 105 25.42 11.48 -14.32
N PRO A 106 25.90 12.32 -13.37
CA PRO A 106 27.30 12.16 -12.95
C PRO A 106 27.52 10.82 -12.22
N ASP A 107 28.70 10.27 -12.31
CA ASP A 107 29.08 9.13 -11.48
C ASP A 107 28.72 9.39 -10.02
N GLY A 108 28.16 8.40 -9.35
CA GLY A 108 27.77 8.59 -7.98
C GLY A 108 26.85 7.48 -7.54
N THR A 109 26.44 7.54 -6.27
CA THR A 109 25.49 6.59 -5.70
C THR A 109 24.20 7.31 -5.35
N TYR A 110 23.10 6.81 -5.90
CA TYR A 110 21.79 7.43 -5.82
C TYR A 110 20.84 6.45 -5.18
N TYR A 111 20.18 6.87 -4.10
CA TYR A 111 19.34 5.99 -3.31
C TYR A 111 17.84 6.08 -3.68
N VAL A 112 17.23 4.90 -3.77
CA VAL A 112 15.78 4.75 -3.84
C VAL A 112 15.29 4.32 -2.46
N GLY A 113 14.11 4.83 -2.05
CA GLY A 113 13.58 4.51 -0.72
C GLY A 113 12.17 5.04 -0.55
N PHE A 114 11.70 5.01 0.68
CA PHE A 114 10.40 5.59 0.99
C PHE A 114 10.50 7.13 1.13
N ASN A 115 9.35 7.79 0.92
CA ASN A 115 9.27 9.25 1.04
C ASN A 115 8.24 9.66 2.07
N GLY A 116 8.52 9.38 3.34
CA GLY A 116 7.70 9.86 4.44
C GLY A 116 6.36 9.20 4.68
N LYS A 117 6.11 8.11 3.99
CA LYS A 117 4.93 7.27 4.23
C LYS A 117 5.28 5.84 3.88
N ASN A 118 5.09 4.95 4.84
CA ASN A 118 5.50 3.57 4.69
CA ASN A 118 5.42 3.53 4.62
C ASN A 118 4.61 2.65 5.52
N GLU A 119 3.29 2.81 5.44
CA GLU A 119 2.38 2.10 6.34
C GLU A 119 2.28 0.62 6.00
N VAL A 120 2.39 -0.23 7.04
CA VAL A 120 2.19 -1.66 6.93
C VAL A 120 1.17 -2.03 7.99
N HIS A 121 -0.02 -2.47 7.56
CA HIS A 121 -1.11 -2.75 8.48
C HIS A 121 -1.14 -4.22 8.84
N LYS A 122 -1.57 -4.46 10.09
CA LYS A 122 -1.62 -5.79 10.68
CA LYS A 122 -1.62 -5.80 10.65
C LYS A 122 -2.93 -6.53 10.43
N SER A 123 -4.03 -5.77 10.46
CA SER A 123 -5.34 -6.35 10.60
C SER A 123 -6.38 -5.45 9.95
N ASN A 124 -7.53 -5.27 10.61
CA ASN A 124 -8.64 -4.50 10.07
C ASN A 124 -9.04 -3.31 10.96
N ASP A 125 -8.19 -2.97 11.93
CA ASP A 125 -8.57 -2.08 13.05
C ASP A 125 -7.70 -0.83 13.15
N GLY A 126 -6.83 -0.60 12.14
CA GLY A 126 -5.92 0.52 12.13
C GLY A 126 -4.57 0.18 12.76
N SER A 127 -4.39 -1.00 13.35
CA SER A 127 -3.11 -1.33 13.94
C SER A 127 -2.04 -1.54 12.85
N GLN A 128 -0.84 -1.07 13.13
CA GLN A 128 0.29 -1.11 12.19
C GLN A 128 1.50 -1.72 12.80
N PHE A 129 2.33 -2.30 11.94
CA PHE A 129 3.68 -2.71 12.30
C PHE A 129 4.64 -1.50 12.29
N THR A 130 5.68 -1.57 13.10
CA THR A 130 6.83 -0.66 12.90
C THR A 130 7.66 -1.14 11.69
N VAL A 131 8.30 -0.17 11.04
CA VAL A 131 8.91 -0.38 9.75
C VAL A 131 10.32 0.19 9.71
N ALA A 132 11.23 -0.55 9.09
CA ALA A 132 12.56 -0.06 8.73
C ALA A 132 12.81 -0.40 7.27
N SER A 133 13.83 0.25 6.71
CA SER A 133 14.26 -0.05 5.34
C SER A 133 15.79 -0.07 5.26
N LYS A 134 16.30 -0.76 4.24
CA LYS A 134 17.73 -0.84 4.03
C LYS A 134 18.03 -0.89 2.54
N ASN A 135 19.31 -0.69 2.23
CA ASN A 135 19.87 -0.74 0.88
C ASN A 135 19.18 0.31 -0.01
N GLY A 136 18.98 0.01 -1.30
CA GLY A 136 18.48 0.98 -2.28
C GLY A 136 19.55 1.79 -2.97
N ALA A 137 20.82 1.36 -2.89
CA ALA A 137 21.91 2.08 -3.56
C ALA A 137 21.96 1.75 -5.03
N ILE A 138 21.80 2.75 -5.88
CA ILE A 138 22.03 2.61 -7.33
C ILE A 138 23.35 3.28 -7.64
N THR A 139 24.39 2.47 -7.89
CA THR A 139 25.73 2.97 -8.12
C THR A 139 25.92 3.16 -9.61
N VAL A 140 26.01 4.43 -10.02
CA VAL A 140 26.09 4.79 -11.44
C VAL A 140 27.58 5.08 -11.77
N GLY A 141 28.11 4.39 -12.79
CA GLY A 141 29.53 4.50 -13.18
C GLY A 141 29.70 4.40 -14.66
N SER B 23 -29.76 12.06 16.10
CA SER B 23 -28.96 11.22 15.18
C SER B 23 -27.46 11.44 15.45
N VAL B 24 -26.66 10.42 15.22
CA VAL B 24 -25.21 10.53 15.31
C VAL B 24 -24.64 10.76 13.93
N GLN B 25 -23.85 11.81 13.77
CA GLN B 25 -23.30 12.13 12.44
C GLN B 25 -22.40 10.98 11.98
N LYS B 26 -22.52 10.60 10.71
CA LYS B 26 -21.66 9.57 10.16
C LYS B 26 -20.26 10.13 9.86
N PHE B 27 -19.33 9.21 9.64
CA PHE B 27 -17.94 9.52 9.34
C PHE B 27 -17.56 8.77 8.07
N PRO B 28 -17.88 9.36 6.91
CA PRO B 28 -17.65 8.62 5.66
C PRO B 28 -16.22 8.11 5.51
N GLY B 29 -16.11 6.80 5.22
CA GLY B 29 -14.82 6.15 5.06
C GLY B 29 -14.42 5.31 6.27
N ASP B 30 -14.95 5.63 7.48
CA ASP B 30 -14.45 5.01 8.69
C ASP B 30 -15.19 3.69 9.00
N ALA B 31 -15.02 2.70 8.12
CA ALA B 31 -15.65 1.40 8.24
C ALA B 31 -15.44 0.71 9.57
N ASN B 32 -14.23 0.82 10.11
CA ASN B 32 -13.87 0.16 11.36
C ASN B 32 -14.09 1.02 12.61
N CYS B 33 -14.63 2.23 12.44
CA CYS B 33 -14.97 3.11 13.57
C CYS B 33 -13.81 3.40 14.53
N ASP B 34 -12.60 3.54 13.98
CA ASP B 34 -11.43 3.88 14.83
C ASP B 34 -11.14 5.38 14.83
N GLY B 35 -11.93 6.19 14.12
CA GLY B 35 -11.79 7.64 14.15
C GLY B 35 -10.86 8.21 13.08
N ILE B 36 -10.30 7.38 12.19
CA ILE B 36 -9.54 7.89 11.05
C ILE B 36 -9.95 7.07 9.82
N VAL B 37 -9.72 7.61 8.63
CA VAL B 37 -9.95 6.87 7.38
C VAL B 37 -8.59 6.46 6.82
N ASP B 38 -8.36 5.16 6.72
CA ASP B 38 -7.08 4.69 6.16
C ASP B 38 -7.29 3.28 5.56
N ILE B 39 -6.20 2.66 5.13
CA ILE B 39 -6.39 1.46 4.32
C ILE B 39 -6.92 0.29 5.18
N SER B 40 -6.80 0.31 6.52
CA SER B 40 -7.47 -0.73 7.33
C SER B 40 -9.01 -0.72 7.12
N ASP B 41 -9.58 0.43 6.75
CA ASP B 41 -11.01 0.46 6.48
C ASP B 41 -11.37 -0.35 5.24
N ALA B 42 -10.48 -0.24 4.22
CA ALA B 42 -10.65 -1.05 3.00
C ALA B 42 -10.51 -2.55 3.33
N VAL B 43 -9.49 -2.88 4.15
CA VAL B 43 -9.33 -4.28 4.58
C VAL B 43 -10.62 -4.83 5.21
N LEU B 44 -11.20 -4.11 6.17
CA LEU B 44 -12.42 -4.59 6.84
C LEU B 44 -13.55 -4.81 5.85
N ILE B 45 -13.75 -3.86 4.94
CA ILE B 45 -14.78 -4.02 3.91
C ILE B 45 -14.59 -5.35 3.17
N MET B 46 -13.37 -5.57 2.66
CA MET B 46 -13.12 -6.81 1.92
C MET B 46 -13.40 -8.06 2.75
N GLN B 47 -12.92 -8.03 3.99
CA GLN B 47 -13.05 -9.21 4.89
C GLN B 47 -14.52 -9.53 5.18
N THR B 48 -15.35 -8.51 5.34
CA THR B 48 -16.76 -8.75 5.65
C THR B 48 -17.48 -9.48 4.52
N MET B 49 -17.04 -9.25 3.27
CA MET B 49 -17.60 -9.94 2.11
C MET B 49 -16.98 -11.32 1.87
N ALA B 50 -15.69 -11.45 2.22
CA ALA B 50 -15.00 -12.72 2.06
C ALA B 50 -15.41 -13.79 3.07
N ASN B 51 -15.66 -13.39 4.31
CA ASN B 51 -16.07 -14.30 5.34
C ASN B 51 -16.97 -13.56 6.34
N PRO B 52 -18.25 -13.38 5.98
CA PRO B 52 -19.18 -12.67 6.84
C PRO B 52 -19.42 -13.32 8.19
N SER B 53 -19.22 -14.64 8.28
N SER B 53 -19.20 -14.63 8.28
CA SER B 53 -19.36 -15.31 9.57
CA SER B 53 -19.32 -15.34 9.54
C SER B 53 -18.33 -14.78 10.58
C SER B 53 -18.27 -14.95 10.57
N LYS B 54 -17.11 -14.50 10.10
CA LYS B 54 -16.01 -14.09 10.98
C LYS B 54 -15.86 -12.58 11.14
N TYR B 55 -16.14 -11.84 10.08
CA TYR B 55 -15.88 -10.40 10.05
C TYR B 55 -17.17 -9.64 9.81
N GLN B 56 -17.45 -8.65 10.67
CA GLN B 56 -18.62 -7.81 10.52
C GLN B 56 -18.26 -6.37 10.78
N MET B 57 -19.02 -5.47 10.15
CA MET B 57 -19.04 -4.07 10.54
C MET B 57 -20.20 -3.82 11.51
N THR B 58 -20.02 -2.84 12.40
CA THR B 58 -21.15 -2.36 13.20
C THR B 58 -22.14 -1.61 12.31
N ASP B 59 -23.31 -1.28 12.83
CA ASP B 59 -24.30 -0.56 12.04
C ASP B 59 -23.71 0.80 11.58
N LYS B 60 -23.03 1.49 12.48
CA LYS B 60 -22.37 2.76 12.15
C LYS B 60 -21.25 2.55 11.13
N GLY B 61 -20.45 1.49 11.31
CA GLY B 61 -19.38 1.20 10.39
C GLY B 61 -19.89 0.96 8.98
N ARG B 62 -21.00 0.22 8.87
CA ARG B 62 -21.56 -0.06 7.56
C ARG B 62 -22.08 1.20 6.86
N ILE B 63 -22.70 2.09 7.65
CA ILE B 63 -23.09 3.38 7.11
C ILE B 63 -21.86 4.19 6.61
N ASN B 64 -20.85 4.22 7.45
CA ASN B 64 -19.60 4.89 7.10
C ASN B 64 -18.92 4.34 5.83
N ALA B 65 -19.06 3.04 5.63
CA ALA B 65 -18.30 2.33 4.59
C ALA B 65 -18.82 2.60 3.18
N ASP B 66 -20.08 3.00 3.06
CA ASP B 66 -20.65 3.25 1.74
C ASP B 66 -20.26 4.64 1.29
N VAL B 67 -19.18 4.71 0.50
CA VAL B 67 -18.59 5.99 0.10
C VAL B 67 -18.72 6.32 -1.38
N THR B 68 -19.12 5.36 -2.21
CA THR B 68 -19.34 5.62 -3.63
C THR B 68 -20.45 4.69 -4.11
N GLY B 69 -21.02 5.02 -5.26
CA GLY B 69 -22.07 4.24 -5.86
C GLY B 69 -23.47 4.73 -5.59
N ASN B 70 -23.60 5.95 -5.05
CA ASN B 70 -24.92 6.58 -4.82
C ASN B 70 -25.79 5.83 -3.84
N SER B 71 -25.21 5.50 -2.68
CA SER B 71 -25.95 4.88 -1.58
C SER B 71 -26.50 3.51 -2.00
N ASP B 72 -25.69 2.78 -2.76
CA ASP B 72 -26.04 1.46 -3.25
C ASP B 72 -25.80 0.34 -2.24
N GLY B 73 -25.12 0.64 -1.14
CA GLY B 73 -24.62 -0.36 -0.21
C GLY B 73 -23.12 -0.58 -0.36
N VAL B 74 -22.60 -1.43 0.51
CA VAL B 74 -21.14 -1.68 0.54
C VAL B 74 -20.73 -2.78 -0.41
N THR B 75 -19.82 -2.43 -1.33
CA THR B 75 -19.21 -3.38 -2.26
C THR B 75 -17.70 -3.18 -2.30
N VAL B 76 -17.02 -3.99 -3.10
CA VAL B 76 -15.57 -3.82 -3.33
C VAL B 76 -15.23 -2.43 -3.84
N LEU B 77 -16.14 -1.80 -4.58
CA LEU B 77 -15.85 -0.45 -5.07
CA LEU B 77 -15.92 -0.44 -5.07
C LEU B 77 -15.65 0.54 -3.93
N ASP B 78 -16.33 0.31 -2.80
CA ASP B 78 -16.12 1.18 -1.62
C ASP B 78 -14.70 1.02 -1.05
N ALA B 79 -14.22 -0.22 -1.00
CA ALA B 79 -12.86 -0.46 -0.56
C ALA B 79 -11.85 0.21 -1.49
N GLN B 80 -12.07 0.06 -2.79
CA GLN B 80 -11.19 0.69 -3.78
C GLN B 80 -11.26 2.24 -3.67
N PHE B 81 -12.44 2.78 -3.40
CA PHE B 81 -12.56 4.25 -3.26
C PHE B 81 -11.76 4.74 -2.06
N ILE B 82 -11.76 3.98 -0.96
CA ILE B 82 -10.93 4.33 0.18
C ILE B 82 -9.45 4.25 -0.20
N GLN B 83 -9.04 3.24 -0.96
CA GLN B 83 -7.65 3.21 -1.43
C GLN B 83 -7.35 4.48 -2.24
N SER B 84 -8.25 4.88 -3.15
CA SER B 84 -8.06 6.11 -3.94
C SER B 84 -7.92 7.34 -3.05
N TYR B 85 -8.78 7.40 -2.03
CA TYR B 85 -8.69 8.49 -1.06
C TYR B 85 -7.32 8.54 -0.36
N CYS B 86 -6.81 7.37 0.03
CA CYS B 86 -5.49 7.29 0.68
C CYS B 86 -4.36 7.77 -0.24
N LEU B 87 -4.57 7.68 -1.55
CA LEU B 87 -3.64 8.16 -2.58
C LEU B 87 -3.83 9.62 -2.98
N GLY B 88 -4.84 10.28 -2.40
CA GLY B 88 -5.05 11.69 -2.74
C GLY B 88 -5.84 11.95 -4.01
N LEU B 89 -6.53 10.93 -4.52
CA LEU B 89 -7.17 11.01 -5.84
C LEU B 89 -8.65 11.41 -5.79
N VAL B 90 -9.34 11.18 -4.67
CA VAL B 90 -10.77 11.47 -4.53
C VAL B 90 -11.04 12.08 -3.15
N GLU B 91 -12.23 12.68 -3.05
CA GLU B 91 -12.75 13.20 -1.79
C GLU B 91 -13.86 12.30 -1.27
N LEU B 92 -13.94 12.17 0.05
CA LEU B 92 -15.06 11.44 0.68
C LEU B 92 -16.37 12.23 0.58
N PRO B 93 -17.50 11.52 0.55
CA PRO B 93 -18.81 12.17 0.38
C PRO B 93 -19.23 12.91 1.64
N PRO B 94 -20.33 13.69 1.55
CA PRO B 94 -20.65 14.60 2.66
C PRO B 94 -21.08 13.91 3.94
N VAL B 95 -20.73 14.51 5.06
CA VAL B 95 -21.23 14.08 6.35
C VAL B 95 -22.73 14.35 6.38
N GLU B 96 -23.44 13.44 7.03
CA GLU B 96 -24.85 13.58 7.37
C GLU B 96 -25.09 12.97 8.78
#